data_5Q0H
#
_entry.id   5Q0H
#
_cell.length_a   78.690
_cell.length_b   78.690
_cell.length_c   105.990
_cell.angle_alpha   90.000
_cell.angle_beta   90.000
_cell.angle_gamma   120.000
#
_symmetry.space_group_name_H-M   'P 32 2 1'
#
loop_
_entity.id
_entity.type
_entity.pdbx_description
1 polymer 'Coagulation factor XI'
2 non-polymer 'methyl [(4R,5E,8S)-11-chloro-8-[(2,6-difluoro-4-methylbenzene-1-carbonyl)amino]-4-methyl-2-oxo-1,3,4,7,8,10-hexahydro-2H-12,9-(azeno)-1,10-benzodiazacyclotetradecin-15-yl]carbamate'
3 non-polymer 'SULFATE ION'
4 non-polymer 1,2-ETHANEDIOL
5 water water
#
_entity_poly.entity_id   1
_entity_poly.type   'polypeptide(L)'
_entity_poly.pdbx_seq_one_letter_code
;IVGGTASVRGEWPWQVTLHTTSPTQRHLCGGSIIGNQWILTAAHCFYGVESPKILRVYSGILNQSEIKEDTSFFGVQEII
IHDQYKMAESGYDIALLKLETTVGYGDSQRPICLPSKGDRNVIYTDCWVTGWGYRKLRDKIQNTLQKAKIPLVTNEECQK
RYRGHKITHKMICAGYREGGKDACKGDSGGPLSCKHNEVWHLVGITSWGEGCAQRERPGVYTNVVEYVDWILEKTQAVHH
HHHH
;
_entity_poly.pdbx_strand_id   A
#
loop_
_chem_comp.id
_chem_comp.type
_chem_comp.name
_chem_comp.formula
9F1 non-polymer 'methyl [(4R,5E,8S)-11-chloro-8-[(2,6-difluoro-4-methylbenzene-1-carbonyl)amino]-4-methyl-2-oxo-1,3,4,7,8,10-hexahydro-2H-12,9-(azeno)-1,10-benzodiazacyclotetradecin-15-yl]carbamate' 'C27 H26 Cl F2 N5 O4'
EDO non-polymer 1,2-ETHANEDIOL 'C2 H6 O2'
SO4 non-polymer 'SULFATE ION' 'O4 S -2'
#
# COMPACT_ATOMS: atom_id res chain seq x y z
N ILE A 1 -8.35 -3.32 -7.46
CA ILE A 1 -7.96 -2.40 -8.53
C ILE A 1 -9.06 -2.34 -9.59
N VAL A 2 -9.58 -1.13 -9.87
CA VAL A 2 -10.58 -0.90 -10.90
C VAL A 2 -9.79 -0.54 -12.15
N GLY A 3 -10.17 -1.11 -13.30
CA GLY A 3 -9.54 -0.83 -14.58
C GLY A 3 -8.11 -1.26 -14.74
N GLY A 4 -7.71 -2.31 -14.03
CA GLY A 4 -6.34 -2.80 -14.15
C GLY A 4 -6.23 -4.09 -14.95
N THR A 5 -5.02 -4.65 -15.00
CA THR A 5 -4.76 -5.92 -15.68
C THR A 5 -3.94 -6.77 -14.73
N ALA A 6 -3.91 -8.08 -14.95
CA ALA A 6 -3.16 -9.04 -14.17
C ALA A 6 -1.68 -8.70 -14.28
N SER A 7 -0.95 -8.87 -13.20
CA SER A 7 0.48 -8.65 -13.13
C SER A 7 1.16 -9.95 -13.56
N VAL A 8 2.42 -9.85 -13.88
CA VAL A 8 3.25 -11.00 -14.26
C VAL A 8 3.93 -11.42 -12.94
N ARG A 9 4.30 -12.71 -12.80
CA ARG A 9 4.98 -13.11 -11.58
C ARG A 9 6.31 -12.38 -11.50
N GLY A 10 6.62 -11.86 -10.31
CA GLY A 10 7.83 -11.09 -10.04
C GLY A 10 7.78 -9.64 -10.50
N GLU A 11 6.64 -9.19 -11.01
CA GLU A 11 6.51 -7.79 -11.44
C GLU A 11 6.63 -6.77 -10.27
N TRP A 12 6.01 -7.05 -9.10
CA TRP A 12 6.04 -6.12 -7.93
C TRP A 12 6.52 -6.92 -6.73
N PRO A 13 7.82 -7.28 -6.68
CA PRO A 13 8.28 -8.23 -5.66
C PRO A 13 8.25 -7.68 -4.23
N TRP A 14 8.00 -6.36 -4.05
CA TRP A 14 7.84 -5.73 -2.73
C TRP A 14 6.39 -5.88 -2.24
N GLN A 15 5.43 -6.13 -3.14
CA GLN A 15 4.04 -6.38 -2.80
C GLN A 15 3.83 -7.61 -1.92
N VAL A 16 3.08 -7.44 -0.84
CA VAL A 16 2.70 -8.50 0.09
C VAL A 16 1.19 -8.48 0.27
N THR A 17 0.68 -9.62 0.67
CA THR A 17 -0.70 -9.80 1.07
C THR A 17 -0.63 -10.05 2.57
N LEU A 18 -1.29 -9.18 3.32
CA LEU A 18 -1.37 -9.30 4.77
C LEU A 18 -2.74 -9.96 5.07
N HIS A 19 -2.69 -11.14 5.69
CA HIS A 19 -3.86 -11.91 6.09
C HIS A 19 -4.08 -11.83 7.59
N THR A 20 -5.34 -11.91 7.98
CA THR A 20 -5.73 -12.04 9.38
C THR A 20 -6.27 -13.48 9.52
N THR A 21 -6.10 -14.15 10.69
CA THR A 21 -6.63 -15.51 10.94
C THR A 21 -7.89 -15.52 11.78
N SER A 22 -8.29 -14.38 12.36
CA SER A 22 -9.48 -14.19 13.19
C SER A 22 -10.65 -13.53 12.46
N PRO A 23 -11.85 -14.15 12.41
CA PRO A 23 -12.22 -15.48 12.93
C PRO A 23 -11.68 -16.62 12.05
N THR A 24 -11.69 -16.43 10.71
CA THR A 24 -11.13 -17.35 9.72
C THR A 24 -10.07 -16.59 8.92
N GLN A 25 -9.16 -17.30 8.26
CA GLN A 25 -8.10 -16.66 7.51
C GLN A 25 -8.60 -16.05 6.20
N ARG A 26 -8.23 -14.77 5.97
CA ARG A 26 -8.58 -14.02 4.77
C ARG A 26 -7.62 -12.87 4.53
N HIS A 27 -7.53 -12.43 3.27
CA HIS A 27 -6.73 -11.27 2.92
C HIS A 27 -7.32 -10.08 3.71
N LEU A 28 -6.44 -9.24 4.26
CA LEU A 28 -6.81 -8.07 5.04
C LEU A 28 -6.42 -6.77 4.33
N CYS A 29 -5.16 -6.70 3.90
CA CYS A 29 -4.57 -5.50 3.31
C CYS A 29 -3.39 -5.91 2.45
N GLY A 30 -2.88 -4.91 1.74
CA GLY A 30 -1.64 -5.01 1.01
C GLY A 30 -0.55 -4.39 1.88
N GLY A 31 0.68 -4.48 1.42
CA GLY A 31 1.84 -3.93 2.09
C GLY A 31 3.05 -3.99 1.18
N SER A 32 4.14 -3.38 1.63
CA SER A 32 5.39 -3.35 0.89
C SER A 32 6.57 -3.71 1.76
N ILE A 33 7.46 -4.51 1.20
CA ILE A 33 8.73 -4.87 1.86
C ILE A 33 9.61 -3.63 1.70
N ILE A 34 10.12 -3.11 2.82
CA ILE A 34 11.02 -1.94 2.75
C ILE A 34 12.41 -2.23 3.39
N GLY A 35 12.54 -3.39 4.01
CA GLY A 35 13.70 -3.88 4.72
C GLY A 35 13.50 -5.35 5.00
N ASN A 36 14.57 -6.07 5.43
CA ASN A 36 14.49 -7.54 5.59
C ASN A 36 13.60 -8.00 6.73
N GLN A 37 13.16 -7.09 7.60
CA GLN A 37 12.19 -7.48 8.63
C GLN A 37 11.03 -6.45 8.74
N TRP A 38 10.88 -5.63 7.70
CA TRP A 38 9.91 -4.54 7.71
C TRP A 38 8.93 -4.49 6.57
N ILE A 39 7.66 -4.32 6.94
CA ILE A 39 6.55 -4.12 6.02
C ILE A 39 5.96 -2.76 6.26
N LEU A 40 5.78 -1.97 5.19
CA LEU A 40 5.14 -0.66 5.27
C LEU A 40 3.74 -0.80 4.72
N THR A 41 2.74 -0.43 5.53
CA THR A 41 1.33 -0.58 5.22
C THR A 41 0.51 0.59 5.79
N ALA A 42 -0.83 0.52 5.68
CA ALA A 42 -1.69 1.57 6.23
C ALA A 42 -2.06 1.25 7.68
N ALA A 43 -2.13 2.26 8.54
CA ALA A 43 -2.52 2.13 9.95
C ALA A 43 -3.99 1.69 10.07
N HIS A 44 -4.89 2.13 9.13
CA HIS A 44 -6.32 1.80 9.20
C HIS A 44 -6.57 0.29 9.11
N CYS A 45 -5.58 -0.44 8.55
CA CYS A 45 -5.64 -1.88 8.39
C CYS A 45 -5.86 -2.63 9.70
N PHE A 46 -5.36 -2.06 10.81
CA PHE A 46 -5.38 -2.70 12.13
C PHE A 46 -6.54 -2.24 13.01
N TYR A 47 -7.63 -1.72 12.42
CA TYR A 47 -8.82 -1.38 13.20
C TYR A 47 -9.36 -2.69 13.80
N GLY A 48 -9.50 -2.72 15.12
CA GLY A 48 -9.95 -3.92 15.80
C GLY A 48 -8.92 -5.05 15.97
N VAL A 49 -7.71 -4.95 15.34
CA VAL A 49 -6.67 -5.97 15.51
C VAL A 49 -6.05 -5.72 16.90
N GLU A 50 -6.28 -6.65 17.83
CA GLU A 50 -5.77 -6.49 19.21
C GLU A 50 -4.39 -7.10 19.40
N SER A 51 -3.96 -7.97 18.48
CA SER A 51 -2.68 -8.64 18.63
C SER A 51 -2.02 -8.89 17.30
N PRO A 52 -0.68 -8.84 17.21
CA PRO A 52 -0.02 -9.20 15.94
C PRO A 52 -0.03 -10.70 15.70
N LYS A 53 -0.44 -11.50 16.70
CA LYS A 53 -0.50 -12.98 16.63
C LYS A 53 -1.48 -13.53 15.60
N ILE A 54 -2.47 -12.73 15.20
CA ILE A 54 -3.46 -13.12 14.19
C ILE A 54 -3.02 -12.74 12.75
N LEU A 55 -1.85 -12.12 12.60
CA LEU A 55 -1.38 -11.62 11.31
C LEU A 55 -0.40 -12.56 10.64
N ARG A 56 -0.55 -12.71 9.32
CA ARG A 56 0.35 -13.50 8.49
C ARG A 56 0.68 -12.66 7.27
N VAL A 57 1.97 -12.54 7.00
CA VAL A 57 2.48 -11.81 5.86
C VAL A 57 2.97 -12.82 4.82
N TYR A 58 2.44 -12.70 3.61
CA TYR A 58 2.86 -13.53 2.49
C TYR A 58 3.51 -12.66 1.45
N SER A 59 4.77 -12.97 1.12
CA SER A 59 5.60 -12.34 0.10
C SER A 59 5.76 -13.37 -1.02
N GLY A 60 6.14 -12.92 -2.20
CA GLY A 60 6.32 -13.76 -3.39
C GLY A 60 5.06 -14.37 -3.94
N ILE A 61 3.91 -13.75 -3.69
CA ILE A 61 2.62 -14.27 -4.13
C ILE A 61 2.15 -13.53 -5.39
N LEU A 62 1.73 -14.29 -6.41
CA LEU A 62 1.10 -13.68 -7.56
C LEU A 62 -0.43 -13.87 -7.38
N ASN A 63 -0.83 -15.12 -7.15
CA ASN A 63 -2.22 -15.55 -7.01
C ASN A 63 -2.58 -15.88 -5.59
N GLN A 64 -3.74 -15.42 -5.11
CA GLN A 64 -4.19 -15.74 -3.75
C GLN A 64 -4.26 -17.25 -3.55
N SER A 65 -4.63 -18.02 -4.60
CA SER A 65 -4.71 -19.50 -4.58
C SER A 65 -3.37 -20.19 -4.24
N GLU A 66 -2.21 -19.45 -4.26
CA GLU A 66 -0.91 -19.99 -3.87
C GLU A 66 -0.85 -20.17 -2.35
N ILE A 67 -1.83 -19.59 -1.62
CA ILE A 67 -1.92 -19.61 -0.16
C ILE A 67 -2.85 -20.72 0.34
N LYS A 68 -2.26 -21.68 1.07
CA LYS A 68 -2.94 -22.82 1.67
C LYS A 68 -2.33 -22.94 3.05
N GLU A 69 -2.83 -23.89 3.88
CA GLU A 69 -2.30 -24.08 5.22
C GLU A 69 -0.80 -24.39 5.23
N ASP A 70 -0.28 -25.03 4.17
CA ASP A 70 1.15 -25.41 4.05
C ASP A 70 2.06 -24.30 3.48
N THR A 71 1.46 -23.19 3.01
CA THR A 71 2.20 -22.05 2.45
C THR A 71 2.94 -21.34 3.57
N SER A 72 4.23 -21.13 3.40
CA SER A 72 5.04 -20.39 4.38
C SER A 72 4.64 -18.92 4.37
N PHE A 73 4.80 -18.26 5.52
CA PHE A 73 4.49 -16.86 5.74
C PHE A 73 5.45 -16.29 6.78
N PHE A 74 5.33 -14.99 7.04
CA PHE A 74 6.10 -14.31 8.07
C PHE A 74 5.11 -13.90 9.16
N GLY A 75 5.45 -14.23 10.40
CA GLY A 75 4.70 -13.81 11.56
C GLY A 75 5.05 -12.35 11.83
N VAL A 76 4.23 -11.68 12.61
CA VAL A 76 4.45 -10.28 12.93
C VAL A 76 4.76 -10.21 14.45
N GLN A 77 5.92 -9.65 14.78
CA GLN A 77 6.41 -9.44 16.12
C GLN A 77 5.76 -8.19 16.70
N GLU A 78 5.64 -7.14 15.88
CA GLU A 78 5.14 -5.85 16.31
C GLU A 78 4.44 -5.05 15.22
N ILE A 79 3.36 -4.38 15.63
CA ILE A 79 2.59 -3.45 14.82
C ILE A 79 2.97 -2.07 15.34
N ILE A 80 3.51 -1.21 14.48
CA ILE A 80 3.90 0.15 14.82
C ILE A 80 3.02 1.10 14.04
N ILE A 81 2.07 1.73 14.73
CA ILE A 81 1.15 2.67 14.13
C ILE A 81 1.67 4.06 14.44
N HIS A 82 1.62 4.97 13.44
CA HIS A 82 2.01 6.35 13.67
C HIS A 82 1.18 6.92 14.85
N ASP A 83 1.87 7.61 15.79
CA ASP A 83 1.29 8.20 17.00
C ASP A 83 0.15 9.17 16.78
N GLN A 84 0.18 9.92 15.66
CA GLN A 84 -0.79 10.96 15.32
C GLN A 84 -1.97 10.41 14.54
N TYR A 85 -1.93 9.13 14.17
CA TYR A 85 -3.01 8.50 13.42
C TYR A 85 -4.32 8.38 14.22
N LYS A 86 -5.39 8.96 13.67
CA LYS A 86 -6.73 8.87 14.21
C LYS A 86 -7.56 8.10 13.19
N MET A 87 -7.51 8.52 11.92
CA MET A 87 -8.27 7.90 10.83
C MET A 87 -7.64 8.20 9.52
N ALA A 88 -7.89 7.34 8.50
CA ALA A 88 -7.34 7.47 7.14
C ALA A 88 -7.55 8.85 6.55
N GLU A 89 -8.79 9.40 6.64
CA GLU A 89 -9.16 10.69 6.03
C GLU A 89 -8.47 11.90 6.63
N SER A 90 -7.89 11.75 7.84
CA SER A 90 -7.16 12.79 8.56
C SER A 90 -5.63 12.68 8.34
N GLY A 91 -5.18 11.58 7.74
CA GLY A 91 -3.76 11.35 7.47
C GLY A 91 -3.08 10.52 8.53
N TYR A 92 -1.74 10.49 8.45
CA TYR A 92 -0.84 9.69 9.31
C TYR A 92 -1.20 8.24 9.19
N ASP A 93 -1.75 7.85 8.03
CA ASP A 93 -2.18 6.48 7.75
C ASP A 93 -0.99 5.66 7.31
N ILE A 94 -0.17 5.31 8.27
CA ILE A 94 1.09 4.61 8.00
C ILE A 94 1.38 3.71 9.21
N ALA A 95 1.86 2.51 8.93
CA ALA A 95 2.21 1.55 9.96
C ALA A 95 3.34 0.68 9.46
N LEU A 96 4.14 0.20 10.41
CA LEU A 96 5.24 -0.72 10.12
C LEU A 96 4.93 -2.05 10.78
N LEU A 97 5.24 -3.12 10.11
CA LEU A 97 5.10 -4.43 10.71
C LEU A 97 6.50 -4.90 10.89
N LYS A 98 6.85 -5.33 12.11
CA LYS A 98 8.16 -5.90 12.35
C LYS A 98 7.95 -7.39 12.32
N LEU A 99 8.61 -8.06 11.37
CA LEU A 99 8.48 -9.49 11.16
C LEU A 99 9.31 -10.28 12.18
N GLU A 100 8.82 -11.47 12.58
CA GLU A 100 9.48 -12.34 13.54
C GLU A 100 10.78 -12.95 12.97
N THR A 101 10.86 -13.06 11.64
CA THR A 101 11.99 -13.63 10.93
C THR A 101 12.35 -12.69 9.80
N THR A 102 13.56 -12.86 9.27
CA THR A 102 14.14 -12.12 8.18
C THR A 102 13.65 -12.66 6.82
N VAL A 103 13.29 -11.76 5.93
CA VAL A 103 12.93 -12.06 4.56
C VAL A 103 14.25 -12.31 3.82
N GLY A 104 14.34 -13.42 3.11
CA GLY A 104 15.46 -13.72 2.23
C GLY A 104 15.12 -13.12 0.89
N TYR A 105 15.94 -12.17 0.42
CA TYR A 105 15.74 -11.50 -0.86
C TYR A 105 16.03 -12.39 -2.07
N GLY A 106 15.16 -12.27 -3.08
CA GLY A 106 15.28 -13.02 -4.34
C GLY A 106 14.46 -12.33 -5.40
N ASP A 107 14.38 -12.95 -6.58
CA ASP A 107 13.61 -12.40 -7.72
C ASP A 107 12.10 -12.38 -7.48
N SER A 108 11.61 -13.13 -6.46
CA SER A 108 10.19 -13.16 -6.09
C SER A 108 9.80 -12.21 -4.97
N GLN A 109 10.80 -11.72 -4.19
CA GLN A 109 10.59 -10.89 -3.01
C GLN A 109 11.85 -10.10 -2.66
N ARG A 110 11.76 -8.79 -2.73
CA ARG A 110 12.86 -7.87 -2.46
C ARG A 110 12.26 -6.52 -2.08
N PRO A 111 13.06 -5.59 -1.49
CA PRO A 111 12.48 -4.30 -1.06
C PRO A 111 12.36 -3.23 -2.15
N ILE A 112 11.43 -2.34 -1.91
CA ILE A 112 11.28 -1.18 -2.76
C ILE A 112 12.00 -0.02 -2.00
N CYS A 113 12.68 0.84 -2.75
CA CYS A 113 13.35 2.02 -2.21
C CYS A 113 12.32 3.02 -1.72
N LEU A 114 12.66 3.69 -0.65
CA LEU A 114 11.82 4.75 -0.14
C LEU A 114 12.15 5.97 -0.98
N PRO A 115 11.26 6.98 -1.10
CA PRO A 115 11.64 8.16 -1.86
C PRO A 115 12.74 8.93 -1.12
N SER A 116 13.55 9.66 -1.88
CA SER A 116 14.62 10.47 -1.29
C SER A 116 14.01 11.80 -0.83
N LYS A 117 14.49 12.37 0.29
CA LYS A 117 14.00 13.67 0.79
C LYS A 117 14.34 14.77 -0.23
N GLY A 118 15.33 14.49 -1.09
CA GLY A 118 15.77 15.33 -2.19
C GLY A 118 14.95 15.10 -3.46
N ASP A 119 14.00 14.15 -3.40
CA ASP A 119 13.11 13.78 -4.50
C ASP A 119 11.65 14.26 -4.25
N ARG A 120 11.41 15.13 -3.25
CA ARG A 120 10.05 15.65 -3.03
C ARG A 120 9.67 16.72 -4.08
N ASN A 121 10.69 17.19 -4.85
CA ASN A 121 10.55 18.16 -5.93
C ASN A 121 10.31 17.44 -7.28
N VAL A 122 10.73 16.15 -7.41
CA VAL A 122 10.61 15.39 -8.66
C VAL A 122 9.14 15.09 -9.00
N ILE A 123 8.82 15.14 -10.30
CA ILE A 123 7.49 14.88 -10.84
C ILE A 123 7.51 13.47 -11.42
N TYR A 124 6.84 12.54 -10.73
CA TYR A 124 6.77 11.14 -11.12
C TYR A 124 5.72 10.98 -12.20
N THR A 125 6.12 10.36 -13.34
CA THR A 125 5.24 10.18 -14.49
C THR A 125 4.83 8.75 -14.75
N ASP A 126 5.52 7.78 -14.13
CA ASP A 126 5.27 6.36 -14.31
C ASP A 126 4.88 5.69 -12.95
N CYS A 127 3.61 5.89 -12.52
CA CYS A 127 3.11 5.39 -11.24
C CYS A 127 2.10 4.29 -11.37
N TRP A 128 2.19 3.27 -10.52
CA TRP A 128 1.31 2.11 -10.54
C TRP A 128 0.78 1.74 -9.13
N VAL A 129 -0.52 1.51 -9.05
CA VAL A 129 -1.22 1.05 -7.87
C VAL A 129 -1.49 -0.46 -8.10
N THR A 130 -1.14 -1.28 -7.11
CA THR A 130 -1.27 -2.72 -7.23
C THR A 130 -2.07 -3.26 -6.06
N GLY A 131 -2.67 -4.43 -6.25
CA GLY A 131 -3.40 -5.09 -5.19
C GLY A 131 -4.34 -6.18 -5.65
N TRP A 132 -4.89 -6.94 -4.68
CA TRP A 132 -5.86 -8.03 -4.92
C TRP A 132 -7.30 -7.59 -4.61
N GLY A 133 -7.52 -6.28 -4.51
CA GLY A 133 -8.82 -5.70 -4.19
C GLY A 133 -9.83 -5.79 -5.32
N TYR A 134 -11.07 -5.39 -5.04
CA TYR A 134 -12.20 -5.43 -5.97
C TYR A 134 -11.91 -4.62 -7.21
N ARG A 135 -12.56 -5.00 -8.33
CA ARG A 135 -12.46 -4.37 -9.66
C ARG A 135 -13.66 -3.45 -9.87
N LYS A 136 -14.61 -3.52 -8.95
CA LYS A 136 -15.84 -2.71 -8.89
C LYS A 136 -16.30 -2.68 -7.44
N LEU A 137 -17.18 -1.75 -7.11
CA LEU A 137 -17.70 -1.52 -5.76
C LEU A 137 -18.28 -2.76 -5.06
N ARG A 138 -19.00 -3.61 -5.80
CA ARG A 138 -19.56 -4.80 -5.20
C ARG A 138 -18.92 -5.96 -5.93
N ASP A 139 -17.93 -6.58 -5.26
CA ASP A 139 -17.14 -7.64 -5.87
C ASP A 139 -16.53 -8.54 -4.79
N LYS A 140 -15.44 -9.20 -5.16
CA LYS A 140 -14.68 -10.09 -4.31
C LYS A 140 -13.21 -9.80 -4.56
N ILE A 141 -12.37 -10.24 -3.64
CA ILE A 141 -10.92 -10.15 -3.72
C ILE A 141 -10.46 -10.97 -4.95
N GLN A 142 -9.61 -10.38 -5.79
CA GLN A 142 -9.09 -11.03 -6.99
C GLN A 142 -8.00 -12.05 -6.67
N ASN A 143 -7.94 -13.09 -7.46
CA ASN A 143 -6.94 -14.12 -7.29
C ASN A 143 -5.56 -13.59 -7.64
N THR A 144 -5.41 -13.02 -8.85
CA THR A 144 -4.18 -12.49 -9.40
C THR A 144 -3.96 -11.05 -9.03
N LEU A 145 -2.69 -10.74 -8.66
CA LEU A 145 -2.29 -9.37 -8.35
C LEU A 145 -2.59 -8.48 -9.58
N GLN A 146 -3.47 -7.46 -9.40
CA GLN A 146 -3.84 -6.52 -10.47
C GLN A 146 -2.94 -5.30 -10.39
N LYS A 147 -2.79 -4.59 -11.52
CA LYS A 147 -1.97 -3.37 -11.64
C LYS A 147 -2.69 -2.32 -12.49
N ALA A 148 -2.46 -1.02 -12.19
CA ALA A 148 -3.00 0.08 -12.99
C ALA A 148 -2.06 1.27 -12.98
N LYS A 149 -1.70 1.81 -14.18
CA LYS A 149 -0.89 3.05 -14.27
C LYS A 149 -1.84 4.19 -14.03
N ILE A 150 -1.52 5.00 -13.03
CA ILE A 150 -2.36 6.11 -12.57
C ILE A 150 -1.53 7.38 -12.58
N PRO A 151 -2.06 8.53 -13.08
CA PRO A 151 -1.26 9.77 -12.98
C PRO A 151 -1.41 10.41 -11.60
N LEU A 152 -0.33 10.99 -11.11
CA LEU A 152 -0.32 11.76 -9.86
C LEU A 152 -1.07 13.09 -10.06
N VAL A 153 -1.75 13.54 -9.01
CA VAL A 153 -2.56 14.76 -9.03
C VAL A 153 -1.97 15.72 -7.98
N THR A 154 -1.91 17.03 -8.27
CA THR A 154 -1.38 18.03 -7.33
C THR A 154 -2.33 18.10 -6.14
N ASN A 155 -1.80 18.60 -5.01
CA ASN A 155 -2.52 18.82 -3.79
C ASN A 155 -3.68 19.79 -4.04
N GLU A 156 -3.40 20.88 -4.76
CA GLU A 156 -4.39 21.91 -5.10
C GLU A 156 -5.58 21.27 -5.82
N GLU A 157 -5.30 20.46 -6.87
CA GLU A 157 -6.28 19.76 -7.67
C GLU A 157 -7.04 18.68 -6.84
N CYS A 158 -6.32 17.94 -5.97
CA CYS A 158 -6.96 16.95 -5.11
C CYS A 158 -7.90 17.61 -4.07
N GLN A 159 -7.49 18.76 -3.51
CA GLN A 159 -8.28 19.53 -2.54
C GLN A 159 -9.58 20.04 -3.17
N LYS A 160 -9.57 20.46 -4.47
CA LYS A 160 -10.79 20.87 -5.21
C LYS A 160 -11.77 19.71 -5.27
N ARG A 161 -11.23 18.46 -5.46
CA ARG A 161 -12.00 17.23 -5.65
C ARG A 161 -12.58 16.72 -4.37
N TYR A 162 -11.99 17.14 -3.23
CA TYR A 162 -12.43 16.72 -1.91
C TYR A 162 -12.86 17.90 -1.05
N ARG A 163 -13.91 18.60 -1.52
CA ARG A 163 -14.52 19.71 -0.77
C ARG A 163 -15.10 19.08 0.51
N GLY A 164 -14.70 19.61 1.66
CA GLY A 164 -15.15 19.08 2.94
C GLY A 164 -14.06 18.35 3.67
N HIS A 165 -12.98 18.00 2.94
CA HIS A 165 -11.81 17.33 3.51
C HIS A 165 -10.64 18.29 3.53
N LYS A 166 -9.65 17.98 4.34
CA LYS A 166 -8.44 18.79 4.35
C LYS A 166 -7.35 17.88 3.81
N ILE A 167 -6.99 18.08 2.52
CA ILE A 167 -5.96 17.32 1.83
C ILE A 167 -4.61 18.01 2.11
N THR A 168 -3.85 17.42 3.01
CA THR A 168 -2.55 17.93 3.46
C THR A 168 -1.45 17.48 2.52
N HIS A 169 -0.23 17.99 2.73
CA HIS A 169 0.93 17.62 1.94
C HIS A 169 1.52 16.27 2.35
N LYS A 170 0.97 15.69 3.42
CA LYS A 170 1.28 14.37 3.94
C LYS A 170 0.41 13.31 3.20
N MET A 171 -0.45 13.80 2.28
CA MET A 171 -1.27 13.00 1.37
C MET A 171 -0.86 13.26 -0.06
N ILE A 172 -0.90 12.25 -0.90
CA ILE A 172 -0.63 12.37 -2.32
C ILE A 172 -1.80 11.70 -3.03
N CYS A 173 -2.34 12.34 -4.07
CA CYS A 173 -3.47 11.76 -4.79
C CYS A 173 -3.10 11.35 -6.15
N ALA A 174 -3.87 10.40 -6.70
CA ALA A 174 -3.66 9.91 -8.06
C ALA A 174 -4.96 9.42 -8.64
N GLY A 175 -5.15 9.68 -9.90
CA GLY A 175 -6.34 9.30 -10.65
C GLY A 175 -6.51 10.14 -11.89
N TYR A 176 -7.32 9.62 -12.84
CA TYR A 176 -7.72 10.28 -14.08
C TYR A 176 -8.93 11.15 -13.76
N ARG A 177 -9.01 12.36 -14.37
CA ARG A 177 -10.16 13.24 -14.18
C ARG A 177 -11.52 12.51 -14.42
N GLU A 178 -11.57 11.59 -15.40
CA GLU A 178 -12.79 10.84 -15.76
C GLU A 178 -12.98 9.48 -15.02
N GLY A 179 -12.09 9.18 -14.07
CA GLY A 179 -12.11 7.94 -13.31
C GLY A 179 -11.72 6.74 -14.15
N GLY A 180 -12.23 5.57 -13.77
CA GLY A 180 -12.01 4.32 -14.49
C GLY A 180 -10.83 3.48 -14.01
N LYS A 181 -9.80 4.10 -13.47
CA LYS A 181 -8.62 3.37 -12.98
C LYS A 181 -8.26 3.84 -11.55
N ASP A 182 -8.24 2.91 -10.61
CA ASP A 182 -8.01 3.27 -9.20
C ASP A 182 -7.83 2.05 -8.33
N ALA A 183 -7.52 2.30 -7.08
CA ALA A 183 -7.51 1.34 -6.01
C ALA A 183 -8.97 1.14 -5.64
N CYS A 184 -9.31 -0.01 -5.11
CA CYS A 184 -10.63 -0.31 -4.60
C CYS A 184 -10.51 -1.19 -3.34
N LYS A 185 -11.64 -1.59 -2.74
CA LYS A 185 -11.74 -2.41 -1.52
C LYS A 185 -10.80 -3.59 -1.50
N GLY A 186 -9.88 -3.56 -0.56
CA GLY A 186 -8.90 -4.63 -0.38
C GLY A 186 -7.51 -4.26 -0.84
N ASP A 187 -7.37 -3.08 -1.49
CA ASP A 187 -6.05 -2.65 -1.97
C ASP A 187 -5.27 -1.85 -0.93
N SER A 188 -5.97 -1.34 0.10
CA SER A 188 -5.40 -0.48 1.15
C SER A 188 -4.17 -1.05 1.82
N GLY A 189 -3.18 -0.20 2.06
CA GLY A 189 -1.92 -0.62 2.66
C GLY A 189 -0.87 -0.96 1.63
N GLY A 190 -1.33 -1.30 0.41
CA GLY A 190 -0.47 -1.62 -0.71
C GLY A 190 0.31 -0.42 -1.24
N PRO A 191 1.25 -0.66 -2.17
CA PRO A 191 2.06 0.45 -2.71
C PRO A 191 1.46 1.24 -3.87
N LEU A 192 1.93 2.48 -4.03
CA LEU A 192 1.80 3.33 -5.19
C LEU A 192 3.29 3.42 -5.59
N SER A 193 3.69 2.61 -6.56
CA SER A 193 5.10 2.48 -6.98
C SER A 193 5.34 3.32 -8.20
N CYS A 194 6.33 4.22 -8.12
CA CYS A 194 6.67 5.11 -9.23
C CYS A 194 8.10 4.82 -9.67
N LYS A 195 8.32 4.61 -10.99
CA LYS A 195 9.64 4.34 -11.57
C LYS A 195 10.24 5.68 -11.97
N HIS A 196 11.46 5.94 -11.51
CA HIS A 196 12.19 7.19 -11.78
C HIS A 196 13.67 6.87 -11.86
N ASN A 197 14.30 7.19 -13.03
CA ASN A 197 15.72 6.93 -13.33
C ASN A 197 16.00 5.42 -13.21
N GLU A 198 15.07 4.62 -13.75
CA GLU A 198 15.11 3.14 -13.77
C GLU A 198 15.05 2.49 -12.36
N VAL A 199 14.61 3.24 -11.34
CA VAL A 199 14.50 2.74 -9.97
C VAL A 199 13.07 2.99 -9.46
N TRP A 200 12.46 1.95 -8.90
CA TRP A 200 11.13 2.06 -8.33
C TRP A 200 11.23 2.67 -6.93
N HIS A 201 10.29 3.57 -6.64
CA HIS A 201 10.19 4.26 -5.36
C HIS A 201 8.81 4.08 -4.82
N LEU A 202 8.73 3.90 -3.49
CA LEU A 202 7.44 3.77 -2.82
C LEU A 202 6.94 5.18 -2.57
N VAL A 203 6.16 5.71 -3.50
CA VAL A 203 5.67 7.09 -3.41
C VAL A 203 4.46 7.22 -2.48
N GLY A 204 3.59 6.22 -2.52
CA GLY A 204 2.41 6.23 -1.67
C GLY A 204 2.00 4.90 -1.11
N ILE A 205 1.10 4.96 -0.13
CA ILE A 205 0.43 3.83 0.50
C ILE A 205 -1.06 4.07 0.25
N THR A 206 -1.72 3.12 -0.43
CA THR A 206 -3.15 3.13 -0.72
C THR A 206 -3.92 3.34 0.58
N SER A 207 -4.70 4.41 0.65
CA SER A 207 -5.36 4.81 1.90
C SER A 207 -6.85 4.88 1.80
N TRP A 208 -7.35 5.88 1.07
CA TRP A 208 -8.80 6.07 0.96
C TRP A 208 -9.17 6.79 -0.34
N GLY A 209 -10.47 6.93 -0.56
CA GLY A 209 -11.11 7.67 -1.65
C GLY A 209 -12.60 7.71 -1.38
N GLU A 210 -13.37 8.43 -2.21
CA GLU A 210 -14.83 8.48 -2.15
C GLU A 210 -15.29 7.48 -3.20
N GLY A 211 -15.69 6.28 -2.78
CA GLY A 211 -16.02 5.21 -3.71
C GLY A 211 -14.75 4.67 -4.39
N CYS A 212 -14.87 4.11 -5.60
CA CYS A 212 -13.72 3.56 -6.34
C CYS A 212 -13.73 4.10 -7.76
N ALA A 213 -12.58 4.56 -8.26
CA ALA A 213 -12.35 5.03 -9.63
C ALA A 213 -13.42 5.98 -10.16
N GLN A 214 -13.97 6.84 -9.29
CA GLN A 214 -15.02 7.75 -9.74
C GLN A 214 -14.39 8.96 -10.38
N ARG A 215 -15.09 9.52 -11.35
CA ARG A 215 -14.75 10.75 -12.04
C ARG A 215 -14.55 11.84 -10.98
N GLU A 216 -13.43 12.57 -11.08
CA GLU A 216 -13.08 13.70 -10.22
C GLU A 216 -12.98 13.36 -8.71
N ARG A 217 -12.60 12.09 -8.42
CA ARG A 217 -12.38 11.57 -7.07
C ARG A 217 -11.08 10.75 -7.11
N PRO A 218 -9.89 11.41 -7.11
CA PRO A 218 -8.64 10.61 -7.14
C PRO A 218 -8.44 9.83 -5.85
N GLY A 219 -7.76 8.72 -5.94
CA GLY A 219 -7.43 7.93 -4.76
C GLY A 219 -6.47 8.77 -3.94
N VAL A 220 -6.63 8.70 -2.62
CA VAL A 220 -5.78 9.41 -1.67
C VAL A 220 -4.85 8.42 -1.01
N TYR A 221 -3.56 8.75 -1.06
CA TYR A 221 -2.45 7.95 -0.57
C TYR A 221 -1.65 8.67 0.46
N THR A 222 -0.97 7.90 1.35
CA THR A 222 -0.04 8.44 2.32
C THR A 222 1.20 8.85 1.51
N ASN A 223 1.63 10.10 1.60
CA ASN A 223 2.79 10.61 0.86
C ASN A 223 4.02 10.12 1.59
N VAL A 224 4.52 8.94 1.20
CA VAL A 224 5.63 8.28 1.88
C VAL A 224 6.84 9.23 2.07
N VAL A 225 7.20 10.09 1.07
CA VAL A 225 8.36 11.00 1.21
C VAL A 225 8.30 11.79 2.54
N GLU A 226 7.09 12.19 2.98
CA GLU A 226 6.87 12.92 4.24
C GLU A 226 7.10 12.12 5.50
N TYR A 227 7.33 10.81 5.40
CA TYR A 227 7.50 9.93 6.54
C TYR A 227 8.81 9.14 6.52
N VAL A 228 9.77 9.55 5.68
CA VAL A 228 11.07 8.85 5.60
C VAL A 228 11.78 8.88 6.96
N ASP A 229 11.75 10.03 7.63
CA ASP A 229 12.38 10.19 8.93
C ASP A 229 11.64 9.39 10.03
N TRP A 230 10.30 9.32 9.94
CA TRP A 230 9.54 8.49 10.88
C TRP A 230 9.87 7.01 10.63
N ILE A 231 9.94 6.57 9.35
CA ILE A 231 10.27 5.16 9.03
C ILE A 231 11.65 4.81 9.59
N LEU A 232 12.66 5.68 9.31
CA LEU A 232 14.03 5.50 9.83
C LEU A 232 14.07 5.50 11.36
N GLU A 233 13.28 6.36 12.00
CA GLU A 233 13.22 6.41 13.47
C GLU A 233 12.83 5.06 14.04
N LYS A 234 11.78 4.47 13.48
CA LYS A 234 11.25 3.19 13.92
C LYS A 234 12.09 1.98 13.47
N THR A 235 12.70 2.04 12.26
CA THR A 235 13.47 0.89 11.74
C THR A 235 14.96 0.90 12.13
N GLN A 236 15.55 2.08 12.36
CA GLN A 236 16.98 2.26 12.67
C GLN A 236 17.26 2.60 14.12
N ALA A 237 16.27 2.38 15.00
CA ALA A 237 16.33 2.62 16.44
C ALA A 237 17.55 1.94 17.06
N VAL A 238 18.28 2.64 17.94
CA VAL A 238 19.47 2.06 18.59
C VAL A 238 19.08 0.98 19.63
N14 9F1 B . -10.59 -3.07 2.42
C13 9F1 B . -11.68 -3.91 2.28
C18 9F1 B . -9.81 -4.15 6.37
C17 9F1 B . -10.26 -2.73 6.78
C16 9F1 B . -10.94 -0.88 5.22
C19 9F1 B . -10.69 -4.76 5.30
C21 9F1 B . -11.67 -10.57 1.62
C24 9F1 B . -11.79 -12.92 1.36
C12 9F1 B . -12.83 -3.18 2.23
C27 9F1 B . -10.05 -1.76 5.66
C33 9F1 B . -8.70 2.12 -0.71
CL1 9F1 B . -14.45 -3.66 2.08
C2 9F1 B . -10.29 -0.62 2.77
C3 9F1 B . -11.10 -1.85 2.47
C4 9F1 B . -10.71 0.07 4.08
C5 9F1 B . -11.49 -5.39 2.29
C6 9F1 B . -12.16 -6.16 1.33
C7 9F1 B . -11.98 -7.53 1.26
C8 9F1 B . -11.14 -8.18 2.16
C9 9F1 B . -10.48 -7.42 3.13
C10 9F1 B . -10.65 -6.04 3.21
N11 9F1 B . -12.45 -1.85 2.35
N15 9F1 B . -10.03 -5.30 4.26
N20 9F1 B . -10.96 -9.59 2.25
O22 9F1 B . -11.05 -11.74 1.77
O23 9F1 B . -12.72 -10.41 1.02
O25 9F1 B . -11.92 -4.75 5.41
C26 9F1 B . -9.54 -2.30 8.05
C28 9F1 B . -8.73 3.17 -1.59
C29 9F1 B . -9.89 3.44 -2.32
C30 9F1 B . -11.00 2.62 -2.10
C31 9F1 B . -10.92 1.58 -1.20
C32 9F1 B . -9.78 1.28 -0.48
F34 9F1 B . -7.59 1.93 0.02
C35 9F1 B . -9.71 0.14 0.50
F36 9F1 B . -12.03 0.85 -0.97
N37 9F1 B . -10.36 0.32 1.66
O38 9F1 B . -9.06 -0.89 0.24
C39 9F1 B . -9.97 4.60 -3.27
H50 9F1 B . -9.89 -4.80 7.24
H51 9F1 B . -8.75 -4.17 6.13
H49 9F1 B . -11.33 -2.76 7.01
H48 9F1 B . -11.92 -0.81 5.69
H53 9F1 B . -11.09 -13.73 1.49
H54 9F1 B . -12.09 -12.86 0.31
H55 9F1 B . -12.67 -13.08 1.98
H59 9F1 B . -9.07 -1.81 5.21
H40 9F1 B . -9.26 -0.95 2.93
H41 9F1 B . -9.98 0.83 4.33
H42 9F1 B . -11.65 0.61 3.92
H43 9F1 B . -12.82 -5.66 0.61
H44 9F1 B . -12.52 -8.04 0.47
H45 9F1 B . -9.82 -7.91 3.85
H46 9F1 B . -13.08 -1.05 2.34
H47 9F1 B . -9.17 -4.85 3.98
H52 9F1 B . -10.21 -9.88 2.87
H57 9F1 B . -8.47 -2.24 7.90
H58 9F1 B . -9.71 -2.97 8.88
H56 9F1 B . -9.88 -1.31 8.37
H60 9F1 B . -7.85 3.79 -1.74
H61 9F1 B . -11.93 2.80 -2.65
H62 9F1 B . -10.94 1.15 1.79
H64 9F1 B . -10.99 4.95 -3.42
H63 9F1 B . -9.58 4.30 -4.24
H65 9F1 B . -9.37 5.45 -2.94
S SO4 C . 4.21 -10.45 -7.82
O1 SO4 C . 3.55 -10.06 -6.58
O2 SO4 C . 3.72 -9.68 -8.97
O3 SO4 C . 5.64 -10.21 -7.61
O4 SO4 C . 3.97 -11.89 -8.07
S SO4 D . -12.55 22.41 -12.38
O1 SO4 D . -13.03 23.75 -12.04
O2 SO4 D . -12.97 21.49 -11.35
O3 SO4 D . -11.09 22.39 -12.49
O4 SO4 D . -13.12 21.99 -13.63
C1 EDO E . 19.12 -10.87 2.29
O1 EDO E . 18.46 -11.84 1.49
C2 EDO E . 18.12 -10.01 3.10
O2 EDO E . 17.65 -10.73 4.22
C1 EDO F . 4.17 -18.38 -13.20
O1 EDO F . 4.98 -17.73 -14.16
C2 EDO F . 2.73 -17.82 -13.31
O2 EDO F . 1.98 -18.30 -12.22
C1 EDO G . -1.01 20.91 5.42
O1 EDO G . -0.47 21.24 4.15
C2 EDO G . 0.09 20.27 6.30
O2 EDO G . 0.91 19.38 5.53
C1 EDO H . -6.52 -19.39 2.56
O1 EDO H . -6.78 -17.99 2.50
C2 EDO H . -5.86 -19.78 3.92
O2 EDO H . -5.44 -21.15 3.95
C1 EDO I . -8.03 14.90 -10.72
O1 EDO I . -9.03 15.73 -11.26
C2 EDO I . -8.47 13.44 -10.84
O2 EDO I . -9.79 13.30 -10.33
C1 EDO J . 2.02 15.66 -2.74
O1 EDO J . 1.28 16.16 -3.83
C2 EDO J . 1.96 16.65 -1.58
O2 EDO J . 2.40 17.91 -2.02
C1 EDO K . -0.92 16.25 8.12
O1 EDO K . -1.84 16.98 8.92
C2 EDO K . -1.38 14.77 7.91
O2 EDO K . -2.56 14.70 7.15
C1 EDO L . 14.30 0.71 5.74
O1 EDO L . 14.92 1.84 6.29
C2 EDO L . 14.47 -0.48 6.71
O2 EDO L . 15.79 -0.99 6.65
#